data_3SN4
#
_entry.id   3SN4
#
_cell.length_a   105.040
_cell.length_b   105.040
_cell.length_c   144.363
_cell.angle_alpha   90.000
_cell.angle_beta   90.000
_cell.angle_gamma   90.000
#
_symmetry.space_group_name_H-M   'I 4 2 2'
#
loop_
_entity.id
_entity.type
_entity.pdbx_description
1 polymer 'putative L-alanine-DL-glutamate epimerase'
2 non-polymer 'MAGNESIUM ION'
3 non-polymer '2-OXOGLUTARIC ACID'
4 non-polymer 'CHLORIDE ION'
5 non-polymer 'SODIUM ION'
6 water water
#
_entity_poly.entity_id   1
_entity_poly.type   'polypeptide(L)'
_entity_poly.pdbx_seq_one_letter_code
;(MSE)SLKVVSVDTLCCDAGWRNYHFVKLTTDEGIVGWSEFDEGFGSPGVTAVIEQLGKRLVGASV(MSE)EHERFFAEA
YCLTRPATGGVVSEGIGAIENALLDAKAKTLNVPCYELLGGKLRDRVPVYWSHCPTWRINHPKFFGPPVTDLDGVKRTAE
EARERQFRAIKTNIFIHDDGPLHAWRPGFAVPFQPALNVDRKVLRNLRAHLEALRDGAGPDVEILLDLNFNAKPEGYLKI
LRELADFDLFWVEIDSYSPQGLAYVRNHSPHPISSCETLFGIREFKPFFDANAVDVAIVDTIWNGVWQS(MSE)KIAAFA
DAHDINVAPHNFYGHLCT(MSE)INANFAAAVPNLRI(MSE)ETDIDRLAWEDELFTHAPEYQNGELIIPDRPGWGTDPV
EEAILAHPPKV(MSE)GGLLQYKRSEGHHHHHH
;
_entity_poly.pdbx_strand_id   A
#
# COMPACT_ATOMS: atom_id res chain seq x y z
N SER A 2 -26.39 22.50 -8.86
CA SER A 2 -25.05 22.81 -9.43
C SER A 2 -24.09 21.67 -9.14
N LEU A 3 -22.90 21.78 -9.71
CA LEU A 3 -21.85 20.77 -9.54
C LEU A 3 -20.76 21.27 -8.59
N LYS A 4 -21.10 22.19 -7.69
CA LYS A 4 -20.14 22.77 -6.78
C LYS A 4 -19.94 21.85 -5.61
N VAL A 5 -18.71 21.84 -5.06
CA VAL A 5 -18.42 21.16 -3.80
C VAL A 5 -19.00 22.02 -2.67
N VAL A 6 -19.78 21.41 -1.77
CA VAL A 6 -20.43 22.12 -0.67
CA VAL A 6 -20.41 22.15 -0.67
C VAL A 6 -19.71 21.92 0.67
N SER A 7 -19.10 20.74 0.84
CA SER A 7 -18.37 20.42 2.07
C SER A 7 -17.28 19.37 1.86
N VAL A 8 -16.22 19.48 2.66
CA VAL A 8 -15.15 18.51 2.69
C VAL A 8 -14.91 18.21 4.16
N ASP A 9 -15.19 16.97 4.55
CA ASP A 9 -15.03 16.54 5.93
C ASP A 9 -14.06 15.37 6.07
N THR A 10 -13.47 15.22 7.25
CA THR A 10 -12.68 14.03 7.55
C THR A 10 -13.33 13.24 8.69
N LEU A 11 -13.15 11.93 8.63
CA LEU A 11 -13.66 11.02 9.63
C LEU A 11 -12.56 10.04 9.94
N CYS A 12 -12.66 9.40 11.09
CA CYS A 12 -11.60 8.53 11.60
C CYS A 12 -12.25 7.41 12.45
N CYS A 13 -11.71 6.19 12.33
CA CYS A 13 -12.17 5.08 13.16
C CYS A 13 -11.04 4.13 13.56
N ASP A 14 -11.30 3.33 14.58
CA ASP A 14 -10.38 2.32 15.07
C ASP A 14 -10.11 1.27 13.99
N ALA A 15 -8.83 1.00 13.74
CA ALA A 15 -8.39 -0.18 12.99
C ALA A 15 -7.38 -1.01 13.83
N GLY A 16 -7.57 -1.01 15.13
CA GLY A 16 -6.86 -1.90 16.05
C GLY A 16 -5.59 -1.29 16.60
N TRP A 17 -4.54 -1.43 15.83
CA TRP A 17 -3.20 -0.95 16.16
C TRP A 17 -2.89 0.34 15.40
N ARG A 18 -3.89 0.82 14.64
CA ARG A 18 -3.84 2.07 13.90
C ARG A 18 -5.28 2.52 13.64
N ASN A 19 -5.43 3.72 13.11
CA ASN A 19 -6.75 4.22 12.72
C ASN A 19 -6.89 4.24 11.22
N TYR A 20 -8.13 4.12 10.74
CA TYR A 20 -8.49 4.50 9.38
C TYR A 20 -8.99 5.95 9.32
N HIS A 21 -8.66 6.66 8.24
CA HIS A 21 -9.13 8.02 8.03
C HIS A 21 -9.84 8.11 6.72
N PHE A 22 -10.80 9.03 6.61
CA PHE A 22 -11.54 9.20 5.38
C PHE A 22 -11.81 10.67 5.09
N VAL A 23 -11.87 10.97 3.79
CA VAL A 23 -12.36 12.23 3.29
C VAL A 23 -13.77 11.96 2.79
N LYS A 24 -14.69 12.85 3.17
CA LYS A 24 -16.09 12.86 2.73
C LYS A 24 -16.35 14.21 2.08
N LEU A 25 -16.62 14.17 0.79
CA LEU A 25 -16.82 15.34 -0.03
C LEU A 25 -18.25 15.31 -0.56
N THR A 26 -19.01 16.39 -0.34
CA THR A 26 -20.41 16.44 -0.77
C THR A 26 -20.57 17.55 -1.82
N THR A 27 -21.33 17.25 -2.85
CA THR A 27 -21.65 18.22 -3.88
C THR A 27 -23.04 18.83 -3.69
N ASP A 28 -23.30 19.92 -4.40
CA ASP A 28 -24.60 20.57 -4.31
C ASP A 28 -25.72 19.69 -4.83
N GLU A 29 -25.36 18.67 -5.62
CA GLU A 29 -26.33 17.70 -6.16
C GLU A 29 -26.72 16.68 -5.10
N GLY A 30 -25.97 16.60 -3.99
CA GLY A 30 -26.17 15.54 -2.99
C GLY A 30 -25.26 14.32 -3.13
N ILE A 31 -24.37 14.34 -4.12
CA ILE A 31 -23.44 13.23 -4.36
C ILE A 31 -22.34 13.31 -3.32
N VAL A 32 -21.94 12.15 -2.80
CA VAL A 32 -20.87 12.04 -1.81
C VAL A 32 -19.73 11.22 -2.41
N GLY A 33 -18.55 11.82 -2.44
CA GLY A 33 -17.33 11.14 -2.82
C GLY A 33 -16.49 10.87 -1.59
N TRP A 34 -15.91 9.68 -1.56
CA TRP A 34 -15.09 9.25 -0.44
C TRP A 34 -13.67 8.93 -0.87
N SER A 35 -12.73 9.12 0.05
CA SER A 35 -11.45 8.44 -0.03
C SER A 35 -11.03 7.90 1.34
N GLU A 36 -10.03 7.04 1.34
CA GLU A 36 -9.41 6.58 2.57
C GLU A 36 -7.98 7.11 2.54
N PHE A 37 -7.48 7.50 3.71
CA PHE A 37 -6.09 7.88 3.85
C PHE A 37 -5.55 7.41 5.19
N ASP A 38 -4.27 7.70 5.44
CA ASP A 38 -3.60 7.13 6.60
C ASP A 38 -2.63 8.12 7.23
N GLU A 39 -2.53 8.11 8.56
CA GLU A 39 -1.51 8.91 9.27
C GLU A 39 -0.46 8.07 10.03
N GLY A 40 -0.77 6.80 10.29
CA GLY A 40 0.06 5.98 11.13
C GLY A 40 1.37 5.59 10.48
N PHE A 41 1.40 5.55 9.16
CA PHE A 41 2.62 5.20 8.42
C PHE A 41 3.53 6.41 8.27
N GLY A 42 4.07 6.83 9.41
CA GLY A 42 5.01 7.93 9.49
C GLY A 42 4.46 9.30 9.20
N SER A 43 3.12 9.48 9.28
CA SER A 43 2.48 10.60 8.59
C SER A 43 1.51 11.45 9.46
N PRO A 44 1.97 11.95 10.61
CA PRO A 44 1.13 12.85 11.39
C PRO A 44 0.93 14.14 10.59
N GLY A 45 -0.26 14.76 10.70
CA GLY A 45 -0.55 16.05 10.06
C GLY A 45 -1.42 16.04 8.80
N VAL A 46 -1.64 14.86 8.22
CA VAL A 46 -2.42 14.78 6.99
C VAL A 46 -3.82 15.39 7.15
N THR A 47 -4.48 15.08 8.26
CA THR A 47 -5.79 15.63 8.53
C THR A 47 -5.76 17.16 8.57
N ALA A 48 -4.74 17.72 9.22
CA ALA A 48 -4.60 19.16 9.28
C ALA A 48 -4.43 19.77 7.88
N VAL A 49 -3.68 19.09 7.03
CA VAL A 49 -3.51 19.52 5.64
C VAL A 49 -4.85 19.52 4.93
N ILE A 50 -5.58 18.42 5.05
CA ILE A 50 -6.87 18.28 4.38
C ILE A 50 -7.85 19.37 4.83
N GLU A 51 -7.86 19.66 6.13
CA GLU A 51 -8.81 20.65 6.66
C GLU A 51 -8.55 22.06 6.11
N GLN A 52 -7.28 22.43 5.93
CA GLN A 52 -6.94 23.71 5.27
C GLN A 52 -7.26 23.72 3.78
N LEU A 53 -6.80 22.68 3.07
CA LEU A 53 -6.97 22.65 1.64
C LEU A 53 -8.45 22.51 1.23
N GLY A 54 -9.22 21.76 2.02
CA GLY A 54 -10.65 21.60 1.76
C GLY A 54 -11.43 22.91 1.84
N LYS A 55 -11.03 23.80 2.72
CA LYS A 55 -11.64 25.12 2.79
C LYS A 55 -11.60 25.83 1.43
N ARG A 56 -10.52 25.66 0.68
CA ARG A 56 -10.32 26.38 -0.59
C ARG A 56 -11.19 25.74 -1.67
N LEU A 57 -11.48 24.46 -1.49
CA LEU A 57 -12.21 23.69 -2.49
C LEU A 57 -13.73 23.96 -2.49
N VAL A 58 -14.32 24.19 -1.32
CA VAL A 58 -15.75 24.49 -1.25
C VAL A 58 -16.08 25.67 -2.16
N GLY A 59 -17.09 25.50 -3.00
CA GLY A 59 -17.48 26.54 -3.98
C GLY A 59 -16.96 26.29 -5.38
N ALA A 60 -15.94 25.42 -5.48
CA ALA A 60 -15.37 25.06 -6.77
C ALA A 60 -16.12 23.87 -7.40
N SER A 61 -15.87 23.65 -8.68
CA SER A 61 -16.58 22.61 -9.43
C SER A 61 -15.99 21.28 -9.03
N VAL A 62 -16.85 20.31 -8.74
CA VAL A 62 -16.41 18.94 -8.47
C VAL A 62 -15.74 18.27 -9.67
N GLU A 64 -13.60 19.56 -11.79
CA GLU A 64 -12.28 20.08 -12.12
C GLU A 64 -11.20 19.66 -11.09
N HIS A 65 -10.92 18.36 -11.05
CA HIS A 65 -9.98 17.85 -10.05
C HIS A 65 -8.53 18.24 -10.35
N GLU A 66 -8.17 18.36 -11.63
CA GLU A 66 -6.82 18.76 -11.93
C GLU A 66 -6.57 20.26 -11.68
N ARG A 67 -7.61 21.09 -11.80
CA ARG A 67 -7.56 22.49 -11.37
CA ARG A 67 -7.52 22.48 -11.37
C ARG A 67 -7.25 22.58 -9.88
N PHE A 68 -7.96 21.79 -9.08
CA PHE A 68 -7.73 21.75 -7.64
C PHE A 68 -6.28 21.34 -7.37
N PHE A 69 -5.82 20.27 -8.00
CA PHE A 69 -4.46 19.80 -7.75
C PHE A 69 -3.45 20.91 -8.06
N ALA A 70 -3.61 21.54 -9.21
CA ALA A 70 -2.67 22.58 -9.64
C ALA A 70 -2.66 23.76 -8.68
N GLU A 71 -3.83 24.19 -8.22
CA GLU A 71 -3.91 25.22 -7.22
C GLU A 71 -3.25 24.81 -5.91
N ALA A 72 -3.61 23.62 -5.43
CA ALA A 72 -3.08 23.09 -4.16
C ALA A 72 -1.56 23.02 -4.19
N TYR A 73 -1.04 22.55 -5.30
CA TYR A 73 0.39 22.41 -5.48
C TYR A 73 1.06 23.76 -5.39
N CYS A 74 0.46 24.81 -6.00
CA CYS A 74 0.96 26.18 -5.88
C CYS A 74 0.95 26.67 -4.45
N LEU A 75 -0.15 26.41 -3.74
CA LEU A 75 -0.35 26.98 -2.40
C LEU A 75 0.62 26.34 -1.39
N THR A 76 1.02 25.10 -1.66
CA THR A 76 1.89 24.36 -0.74
C THR A 76 3.27 24.02 -1.34
N ARG A 77 3.63 24.70 -2.43
CA ARG A 77 4.85 24.38 -3.21
C ARG A 77 6.13 24.26 -2.34
N PRO A 78 6.36 25.20 -1.40
CA PRO A 78 7.57 25.10 -0.59
C PRO A 78 7.73 23.85 0.25
N ALA A 79 6.62 23.26 0.67
CA ALA A 79 6.68 22.08 1.54
C ALA A 79 6.03 20.86 0.88
N THR A 80 6.09 20.80 -0.45
CA THR A 80 5.50 19.70 -1.20
C THR A 80 6.19 18.38 -0.87
N GLY A 81 5.46 17.31 -1.19
CA GLY A 81 5.86 16.00 -0.81
C GLY A 81 5.25 15.62 0.51
N GLY A 82 5.56 14.41 0.94
CA GLY A 82 5.24 13.95 2.29
C GLY A 82 3.78 14.16 2.67
N VAL A 83 3.57 14.66 3.87
CA VAL A 83 2.21 14.71 4.41
C VAL A 83 1.40 15.76 3.68
N VAL A 84 2.02 16.81 3.16
CA VAL A 84 1.29 17.78 2.33
C VAL A 84 0.71 17.07 1.10
N SER A 85 1.55 16.35 0.38
CA SER A 85 1.11 15.67 -0.83
C SER A 85 0.12 14.56 -0.54
N GLU A 86 0.25 13.92 0.63
CA GLU A 86 -0.77 12.97 1.10
C GLU A 86 -2.16 13.58 1.26
N GLY A 87 -2.23 14.79 1.81
CA GLY A 87 -3.51 15.50 1.92
C GLY A 87 -4.11 15.83 0.56
N ILE A 88 -3.27 16.27 -0.37
CA ILE A 88 -3.73 16.59 -1.70
C ILE A 88 -4.25 15.33 -2.39
N GLY A 89 -3.56 14.23 -2.21
CA GLY A 89 -3.93 12.95 -2.84
C GLY A 89 -5.23 12.38 -2.29
N ALA A 90 -5.43 12.51 -0.99
CA ALA A 90 -6.70 12.10 -0.34
C ALA A 90 -7.90 12.89 -0.89
N ILE A 91 -7.71 14.20 -1.01
CA ILE A 91 -8.73 15.03 -1.58
C ILE A 91 -8.98 14.64 -3.04
N GLU A 92 -7.92 14.46 -3.83
CA GLU A 92 -8.06 14.05 -5.23
C GLU A 92 -8.92 12.79 -5.36
N ASN A 93 -8.65 11.81 -4.52
CA ASN A 93 -9.35 10.54 -4.60
C ASN A 93 -10.83 10.65 -4.25
N ALA A 94 -11.17 11.58 -3.34
CA ALA A 94 -12.58 11.85 -2.99
C ALA A 94 -13.29 12.55 -4.16
N LEU A 95 -12.59 13.50 -4.78
CA LEU A 95 -13.07 14.20 -5.96
C LEU A 95 -13.32 13.26 -7.13
N LEU A 96 -12.41 12.32 -7.34
CA LEU A 96 -12.62 11.34 -8.40
C LEU A 96 -13.85 10.49 -8.15
N ASP A 97 -14.05 10.05 -6.93
CA ASP A 97 -15.28 9.30 -6.55
C ASP A 97 -16.54 10.11 -6.83
N ALA A 98 -16.54 11.38 -6.46
CA ALA A 98 -17.70 12.25 -6.64
C ALA A 98 -17.98 12.45 -8.12
N LYS A 99 -16.95 12.72 -8.92
CA LYS A 99 -17.11 12.91 -10.35
C LYS A 99 -17.62 11.63 -11.04
N ALA A 100 -17.05 10.48 -10.70
CA ALA A 100 -17.50 9.21 -11.29
C ALA A 100 -18.97 8.92 -10.94
N LYS A 101 -19.32 9.11 -9.68
CA LYS A 101 -20.72 8.97 -9.25
C LYS A 101 -21.61 9.99 -9.98
N THR A 102 -21.14 11.22 -10.12
CA THR A 102 -21.92 12.24 -10.85
C THR A 102 -22.23 11.83 -12.29
N LEU A 103 -21.27 11.20 -12.94
CA LEU A 103 -21.44 10.68 -14.32
C LEU A 103 -21.95 9.25 -14.37
N ASN A 104 -22.24 8.66 -13.20
CA ASN A 104 -22.80 7.32 -13.09
C ASN A 104 -21.91 6.21 -13.66
N VAL A 105 -20.61 6.28 -13.39
CA VAL A 105 -19.66 5.28 -13.88
C VAL A 105 -18.71 4.84 -12.76
N PRO A 106 -18.09 3.63 -12.89
CA PRO A 106 -16.99 3.27 -12.00
C PRO A 106 -15.80 4.19 -12.22
N CYS A 107 -14.95 4.37 -11.22
CA CYS A 107 -13.80 5.27 -11.36
C CYS A 107 -12.86 4.91 -12.51
N TYR A 108 -12.71 3.63 -12.79
CA TYR A 108 -11.86 3.23 -13.91
C TYR A 108 -12.27 3.82 -15.26
N GLU A 109 -13.52 4.24 -15.40
CA GLU A 109 -13.99 4.94 -16.60
C GLU A 109 -13.49 6.37 -16.75
N LEU A 110 -13.02 6.97 -15.65
CA LEU A 110 -12.32 8.23 -15.72
C LEU A 110 -10.82 8.03 -16.02
N LEU A 111 -10.34 6.78 -16.00
CA LEU A 111 -8.89 6.51 -16.06
C LEU A 111 -8.43 5.84 -17.36
N GLY A 112 -9.29 5.88 -18.38
CA GLY A 112 -8.97 5.30 -19.69
C GLY A 112 -9.86 4.12 -20.02
N GLY A 113 -10.75 3.78 -19.09
CA GLY A 113 -11.57 2.59 -19.23
C GLY A 113 -10.78 1.44 -18.67
N LYS A 114 -11.41 0.29 -18.46
CA LYS A 114 -10.65 -0.83 -17.94
C LYS A 114 -10.01 -1.59 -19.06
N LEU A 115 -8.92 -2.26 -18.76
CA LEU A 115 -8.37 -3.17 -19.72
C LEU A 115 -8.24 -4.59 -19.18
N ARG A 116 -8.71 -4.82 -17.96
CA ARG A 116 -8.81 -6.17 -17.40
C ARG A 116 -9.97 -6.20 -16.38
N ASP A 117 -10.59 -7.36 -16.25
CA ASP A 117 -11.74 -7.59 -15.36
C ASP A 117 -11.35 -8.03 -13.95
N ARG A 118 -10.16 -8.61 -13.85
CA ARG A 118 -9.66 -9.22 -12.63
C ARG A 118 -8.17 -8.95 -12.57
N VAL A 119 -7.62 -8.84 -11.36
CA VAL A 119 -6.21 -8.59 -11.15
CA VAL A 119 -6.20 -8.64 -11.20
C VAL A 119 -5.62 -9.62 -10.19
N PRO A 120 -4.54 -10.32 -10.58
CA PRO A 120 -3.85 -11.17 -9.62
C PRO A 120 -3.28 -10.35 -8.47
N VAL A 121 -3.34 -10.94 -7.29
CA VAL A 121 -2.91 -10.28 -6.09
C VAL A 121 -1.84 -11.13 -5.42
N TYR A 122 -1.12 -10.52 -4.48
CA TYR A 122 -0.42 -11.28 -3.46
C TYR A 122 -0.99 -10.96 -2.08
N TRP A 123 -0.95 -11.97 -1.23
CA TRP A 123 -1.41 -11.85 0.16
C TRP A 123 -0.25 -11.28 0.95
N SER A 124 -0.39 -10.01 1.29
CA SER A 124 0.69 -9.26 1.88
C SER A 124 0.67 -9.40 3.37
N HIS A 125 1.82 -9.05 3.99
CA HIS A 125 2.00 -9.18 5.44
C HIS A 125 1.60 -10.57 5.93
N CYS A 126 2.13 -11.58 5.24
CA CYS A 126 1.81 -12.95 5.49
C CYS A 126 3.11 -13.71 5.76
N PRO A 127 3.39 -14.06 7.04
CA PRO A 127 2.55 -14.02 8.24
C PRO A 127 2.75 -12.80 9.15
N THR A 128 3.25 -11.71 8.58
CA THR A 128 3.57 -10.52 9.35
C THR A 128 2.46 -10.02 10.29
N TRP A 129 1.24 -9.92 9.79
CA TRP A 129 0.12 -9.43 10.61
C TRP A 129 -0.18 -10.39 11.78
N ARG A 130 -0.11 -11.70 11.52
CA ARG A 130 -0.41 -12.69 12.56
C ARG A 130 0.67 -12.76 13.64
N ILE A 131 1.87 -12.26 13.33
CA ILE A 131 2.99 -12.25 14.29
C ILE A 131 2.99 -10.93 15.09
N ASN A 132 2.87 -9.82 14.37
CA ASN A 132 3.01 -8.50 14.97
C ASN A 132 1.75 -7.96 15.64
N HIS A 133 0.57 -8.34 15.12
CA HIS A 133 -0.69 -7.85 15.66
C HIS A 133 -1.66 -9.02 15.90
N PRO A 134 -1.24 -9.99 16.74
CA PRO A 134 -2.01 -11.20 16.97
C PRO A 134 -3.37 -10.97 17.69
N LYS A 135 -3.49 -9.86 18.42
CA LYS A 135 -4.74 -9.45 19.05
C LYS A 135 -5.83 -9.08 18.02
N PHE A 136 -5.42 -8.81 16.78
CA PHE A 136 -6.35 -8.39 15.74
C PHE A 136 -6.49 -9.40 14.60
N PHE A 137 -5.41 -10.12 14.31
CA PHE A 137 -5.38 -11.13 13.23
C PHE A 137 -4.92 -12.46 13.76
N GLY A 138 -5.78 -13.47 13.63
CA GLY A 138 -5.46 -14.82 14.05
C GLY A 138 -5.54 -15.77 12.88
N PRO A 139 -5.15 -17.05 13.09
CA PRO A 139 -4.58 -17.51 14.36
C PRO A 139 -3.19 -16.91 14.58
N PRO A 140 -2.85 -16.54 15.84
CA PRO A 140 -1.52 -15.99 16.14
C PRO A 140 -0.39 -16.89 15.64
N VAL A 141 0.68 -16.27 15.12
CA VAL A 141 1.85 -17.02 14.69
C VAL A 141 2.99 -16.65 15.63
N THR A 142 3.53 -17.67 16.29
CA THR A 142 4.52 -17.48 17.34
C THR A 142 5.76 -18.34 17.16
N ASP A 143 5.86 -19.10 16.06
CA ASP A 143 7.03 -19.97 15.81
C ASP A 143 7.17 -20.36 14.32
N LEU A 144 8.23 -21.11 14.00
CA LEU A 144 8.48 -21.54 12.61
C LEU A 144 7.37 -22.43 12.05
N ASP A 145 6.80 -23.30 12.87
CA ASP A 145 5.68 -24.14 12.42
C ASP A 145 4.46 -23.30 12.08
N GLY A 146 4.26 -22.22 12.83
CA GLY A 146 3.19 -21.28 12.56
C GLY A 146 3.44 -20.57 11.23
N VAL A 147 4.71 -20.25 10.98
CA VAL A 147 5.08 -19.63 9.71
C VAL A 147 4.73 -20.54 8.55
N LYS A 148 5.10 -21.82 8.66
CA LYS A 148 4.80 -22.80 7.63
C LYS A 148 3.29 -22.95 7.40
N ARG A 149 2.52 -23.11 8.46
CA ARG A 149 1.08 -23.29 8.33
C ARG A 149 0.35 -22.10 7.68
N THR A 150 0.80 -20.89 7.97
CA THR A 150 0.22 -19.71 7.33
C THR A 150 0.44 -19.80 5.83
N ALA A 151 1.65 -20.20 5.43
CA ALA A 151 1.98 -20.42 4.02
C ALA A 151 1.12 -21.53 3.38
N GLU A 152 0.89 -22.61 4.12
CA GLU A 152 0.01 -23.71 3.65
C GLU A 152 -1.43 -23.21 3.42
N GLU A 153 -1.91 -22.39 4.34
CA GLU A 153 -3.22 -21.77 4.22
C GLU A 153 -3.36 -20.89 2.96
N ALA A 154 -2.33 -20.13 2.65
CA ALA A 154 -2.35 -19.32 1.44
C ALA A 154 -2.53 -20.18 0.18
N ARG A 155 -1.82 -21.31 0.15
CA ARG A 155 -1.84 -22.20 -1.01
CA ARG A 155 -1.83 -22.22 -0.99
C ARG A 155 -3.22 -22.84 -1.16
N GLU A 156 -3.76 -23.33 -0.04
CA GLU A 156 -5.06 -23.97 -0.06
CA GLU A 156 -5.06 -23.97 -0.05
C GLU A 156 -6.13 -23.00 -0.50
N ARG A 157 -5.93 -21.71 -0.21
CA ARG A 157 -6.91 -20.69 -0.57
C ARG A 157 -6.69 -20.14 -1.98
N GLN A 158 -5.80 -20.77 -2.73
CA GLN A 158 -5.57 -20.45 -4.13
C GLN A 158 -4.85 -19.12 -4.35
N PHE A 159 -4.21 -18.58 -3.33
CA PHE A 159 -3.38 -17.40 -3.54
C PHE A 159 -2.09 -17.80 -4.25
N ARG A 160 -1.68 -16.97 -5.19
CA ARG A 160 -0.56 -17.29 -6.07
C ARG A 160 0.76 -16.80 -5.53
N ALA A 161 0.69 -15.91 -4.54
CA ALA A 161 1.88 -15.22 -4.02
C ALA A 161 1.61 -14.71 -2.62
N ILE A 162 2.67 -14.63 -1.80
CA ILE A 162 2.61 -14.13 -0.43
C ILE A 162 3.84 -13.24 -0.18
N LYS A 163 3.70 -12.27 0.73
CA LYS A 163 4.82 -11.38 1.09
C LYS A 163 5.05 -11.36 2.59
N THR A 164 6.30 -11.58 2.99
CA THR A 164 6.71 -11.55 4.39
C THR A 164 7.74 -10.46 4.62
N ASN A 165 8.11 -10.28 5.87
CA ASN A 165 9.08 -9.26 6.29
C ASN A 165 10.22 -9.93 7.06
N ILE A 166 10.86 -9.24 8.01
CA ILE A 166 12.02 -9.78 8.72
C ILE A 166 11.62 -10.07 10.16
N PHE A 167 11.96 -11.28 10.63
CA PHE A 167 11.58 -11.77 11.97
C PHE A 167 12.73 -12.48 12.65
N ILE A 168 12.81 -12.31 13.97
CA ILE A 168 13.78 -13.03 14.80
C ILE A 168 13.07 -14.17 15.52
N HIS A 169 13.51 -15.41 15.27
CA HIS A 169 12.89 -16.63 15.80
C HIS A 169 13.59 -17.20 17.04
N ASP A 170 14.91 -17.01 17.12
CA ASP A 170 15.76 -17.70 18.13
C ASP A 170 16.28 -16.79 19.28
N ASP A 171 15.58 -15.70 19.57
CA ASP A 171 15.96 -14.82 20.68
C ASP A 171 14.71 -14.53 21.50
N GLY A 172 14.26 -15.54 22.24
CA GLY A 172 12.98 -15.46 22.96
C GLY A 172 11.78 -15.51 22.02
N PRO A 173 10.65 -14.83 22.40
CA PRO A 173 9.45 -14.83 21.57
C PRO A 173 9.74 -14.37 20.14
N LEU A 174 8.97 -14.86 19.18
CA LEU A 174 9.06 -14.40 17.80
C LEU A 174 8.68 -12.90 17.68
N HIS A 175 9.56 -12.12 17.05
CA HIS A 175 9.33 -10.66 16.89
C HIS A 175 9.90 -10.07 15.57
N ALA A 176 9.30 -8.96 15.12
CA ALA A 176 9.73 -8.26 13.93
C ALA A 176 11.05 -7.56 14.15
N TRP A 177 11.82 -7.49 13.07
CA TRP A 177 13.05 -6.74 13.05
C TRP A 177 12.77 -5.51 12.20
N ARG A 178 12.62 -4.35 12.83
CA ARG A 178 12.19 -3.14 12.10
C ARG A 178 12.99 -1.90 12.51
N PRO A 179 14.33 -2.01 12.51
CA PRO A 179 15.16 -0.90 12.98
C PRO A 179 15.03 0.40 12.17
N GLY A 180 14.70 0.26 10.88
CA GLY A 180 14.35 1.40 10.02
C GLY A 180 13.27 2.29 10.60
N PHE A 181 12.39 1.67 11.39
CA PHE A 181 11.30 2.36 12.06
C PHE A 181 11.49 2.41 13.60
N ALA A 182 12.76 2.31 14.02
CA ALA A 182 13.12 2.39 15.43
C ALA A 182 12.54 1.25 16.32
N VAL A 183 12.16 0.12 15.72
CA VAL A 183 11.85 -1.07 16.51
C VAL A 183 12.75 -2.28 16.13
N PRO A 184 13.89 -2.44 16.80
CA PRO A 184 14.46 -1.66 17.89
C PRO A 184 15.25 -0.44 17.40
N PHE A 185 15.55 0.47 18.33
CA PHE A 185 16.34 1.65 18.03
C PHE A 185 17.80 1.23 17.91
N GLN A 186 18.20 1.05 16.66
CA GLN A 186 19.58 0.76 16.28
C GLN A 186 19.81 1.48 14.95
N PRO A 187 20.07 2.82 15.00
CA PRO A 187 19.93 3.70 13.81
C PRO A 187 20.95 3.51 12.68
N ALA A 188 22.02 2.77 12.96
CA ALA A 188 23.00 2.35 11.93
C ALA A 188 22.42 1.33 10.96
N LEU A 189 21.41 0.59 11.42
CA LEU A 189 20.73 -0.39 10.59
C LEU A 189 21.68 -1.48 10.11
N ASN A 190 22.66 -1.82 10.94
CA ASN A 190 23.57 -2.92 10.61
C ASN A 190 22.80 -4.26 10.58
N VAL A 191 23.28 -5.16 9.72
CA VAL A 191 22.73 -6.48 9.55
C VAL A 191 23.76 -7.46 10.08
N ASP A 192 23.48 -8.08 11.22
CA ASP A 192 24.42 -9.09 11.75
C ASP A 192 24.05 -10.52 11.35
N ARG A 193 24.83 -11.47 11.86
CA ARG A 193 24.66 -12.89 11.53
C ARG A 193 23.30 -13.41 12.02
N LYS A 194 22.86 -12.89 13.16
CA LYS A 194 21.60 -13.27 13.74
C LYS A 194 20.48 -12.94 12.77
N VAL A 195 20.49 -11.72 12.23
CA VAL A 195 19.45 -11.30 11.29
C VAL A 195 19.45 -12.21 10.07
N LEU A 196 20.64 -12.51 9.56
CA LEU A 196 20.78 -13.36 8.36
C LEU A 196 20.26 -14.80 8.53
N ARG A 197 20.69 -15.51 9.56
CA ARG A 197 20.24 -16.89 9.71
C ARG A 197 18.75 -16.98 10.05
N ASN A 198 18.19 -15.93 10.65
CA ASN A 198 16.75 -15.93 10.97
C ASN A 198 15.89 -15.75 9.72
N LEU A 199 16.28 -14.80 8.88
CA LEU A 199 15.70 -14.63 7.56
C LEU A 199 15.70 -15.91 6.79
N ARG A 200 16.86 -16.56 6.74
CA ARG A 200 16.95 -17.87 6.10
C ARG A 200 15.96 -18.88 6.71
N ALA A 201 15.94 -19.03 8.05
CA ALA A 201 15.08 -20.03 8.71
C ALA A 201 13.59 -19.81 8.41
N HIS A 202 13.21 -18.54 8.47
CA HIS A 202 11.86 -18.09 8.20
C HIS A 202 11.39 -18.43 6.78
N LEU A 203 12.19 -18.05 5.79
CA LEU A 203 11.87 -18.30 4.39
C LEU A 203 11.84 -19.79 4.04
N GLU A 204 12.75 -20.54 4.61
CA GLU A 204 12.74 -21.99 4.41
C GLU A 204 11.43 -22.61 4.90
N ALA A 205 10.98 -22.19 6.08
CA ALA A 205 9.68 -22.62 6.64
C ALA A 205 8.51 -22.16 5.78
N LEU A 206 8.57 -20.91 5.33
CA LEU A 206 7.50 -20.37 4.48
C LEU A 206 7.45 -21.14 3.15
N ARG A 207 8.60 -21.38 2.54
CA ARG A 207 8.67 -22.17 1.30
C ARG A 207 8.14 -23.60 1.49
N ASP A 208 8.47 -24.17 2.64
CA ASP A 208 7.94 -25.44 3.09
C ASP A 208 6.42 -25.52 3.01
N GLY A 209 5.77 -24.53 3.60
CA GLY A 209 4.32 -24.45 3.60
C GLY A 209 3.72 -24.05 2.26
N ALA A 210 4.38 -23.14 1.54
CA ALA A 210 3.86 -22.63 0.27
C ALA A 210 3.80 -23.69 -0.85
N GLY A 211 4.76 -24.62 -0.84
CA GLY A 211 4.98 -25.51 -1.97
C GLY A 211 5.80 -24.79 -3.03
N PRO A 212 6.15 -25.48 -4.14
CA PRO A 212 7.04 -24.93 -5.16
C PRO A 212 6.37 -23.94 -6.15
N ASP A 213 5.05 -23.88 -6.18
CA ASP A 213 4.37 -23.03 -7.17
C ASP A 213 4.09 -21.62 -6.68
N VAL A 214 3.67 -21.49 -5.41
CA VAL A 214 3.31 -20.19 -4.84
C VAL A 214 4.55 -19.28 -4.76
N GLU A 215 4.36 -18.02 -5.12
CA GLU A 215 5.49 -17.10 -5.19
C GLU A 215 5.70 -16.45 -3.84
N ILE A 216 6.95 -16.20 -3.47
CA ILE A 216 7.28 -15.58 -2.22
C ILE A 216 7.99 -14.26 -2.46
N LEU A 217 7.42 -13.21 -1.90
CA LEU A 217 7.96 -11.87 -1.94
C LEU A 217 8.58 -11.58 -0.58
N LEU A 218 9.67 -10.81 -0.56
CA LEU A 218 10.31 -10.38 0.67
C LEU A 218 10.39 -8.86 0.69
N ASP A 219 9.89 -8.27 1.78
CA ASP A 219 9.98 -6.82 1.98
C ASP A 219 10.95 -6.54 3.11
N LEU A 220 12.01 -5.78 2.78
CA LEU A 220 13.03 -5.33 3.72
C LEU A 220 12.86 -3.87 4.14
N ASN A 221 11.85 -3.20 3.58
CA ASN A 221 11.46 -1.82 3.94
C ASN A 221 12.71 -0.93 4.01
N PHE A 222 12.86 -0.12 5.05
CA PHE A 222 14.04 0.75 5.24
C PHE A 222 15.00 0.14 6.28
N ASN A 223 15.08 -1.19 6.38
CA ASN A 223 15.75 -1.82 7.53
C ASN A 223 17.24 -2.08 7.43
N ALA A 224 17.88 -1.60 6.37
CA ALA A 224 19.35 -1.70 6.23
C ALA A 224 19.90 -0.50 5.47
N LYS A 225 21.23 -0.46 5.37
CA LYS A 225 21.95 0.36 4.38
C LYS A 225 22.34 -0.57 3.21
N PRO A 226 22.69 0.01 2.04
CA PRO A 226 23.13 -0.81 0.88
C PRO A 226 24.05 -1.96 1.24
N GLU A 227 25.05 -1.73 2.09
CA GLU A 227 25.93 -2.80 2.57
C GLU A 227 25.14 -4.02 3.07
N GLY A 228 24.16 -3.76 3.91
CA GLY A 228 23.37 -4.80 4.57
C GLY A 228 22.39 -5.45 3.63
N TYR A 229 21.79 -4.67 2.73
CA TYR A 229 20.91 -5.24 1.71
C TYR A 229 21.72 -6.24 0.87
N LEU A 230 22.95 -5.85 0.50
CA LEU A 230 23.80 -6.73 -0.30
C LEU A 230 24.10 -8.03 0.45
N LYS A 231 24.37 -7.93 1.74
CA LYS A 231 24.64 -9.12 2.56
C LYS A 231 23.42 -10.02 2.63
N ILE A 232 22.25 -9.42 2.71
CA ILE A 232 21.00 -10.17 2.75
C ILE A 232 20.76 -10.91 1.45
N LEU A 233 20.93 -10.21 0.33
CA LEU A 233 20.74 -10.83 -0.97
C LEU A 233 21.70 -12.00 -1.25
N ARG A 234 22.98 -11.87 -0.83
CA ARG A 234 24.00 -12.91 -0.98
CA ARG A 234 23.94 -12.92 -1.08
C ARG A 234 23.64 -14.14 -0.17
N GLU A 235 23.17 -13.88 1.04
CA GLU A 235 22.72 -14.92 1.95
C GLU A 235 21.56 -15.70 1.31
N LEU A 236 20.71 -14.98 0.58
CA LEU A 236 19.50 -15.55 -0.03
C LEU A 236 19.60 -15.77 -1.54
N ALA A 237 20.84 -15.89 -2.01
CA ALA A 237 21.12 -16.08 -3.43
C ALA A 237 20.40 -17.29 -4.03
N ASP A 238 20.22 -18.33 -3.20
CA ASP A 238 19.71 -19.59 -3.71
CA ASP A 238 19.71 -19.63 -3.62
C ASP A 238 18.19 -19.75 -3.51
N PHE A 239 17.52 -18.73 -2.98
CA PHE A 239 16.06 -18.74 -2.83
C PHE A 239 15.36 -18.25 -4.09
N ASP A 240 14.18 -18.79 -4.36
CA ASP A 240 13.38 -18.32 -5.49
C ASP A 240 12.41 -17.25 -4.98
N LEU A 241 12.78 -16.00 -5.18
CA LEU A 241 11.98 -14.86 -4.71
C LEU A 241 11.38 -14.09 -5.88
N PHE A 242 10.07 -13.85 -5.83
CA PHE A 242 9.31 -13.06 -6.82
C PHE A 242 9.86 -11.62 -6.90
N TRP A 243 10.04 -11.01 -5.74
CA TRP A 243 10.85 -9.80 -5.62
C TRP A 243 11.37 -9.62 -4.22
N VAL A 244 12.39 -8.77 -4.10
CA VAL A 244 12.86 -8.25 -2.83
C VAL A 244 12.64 -6.74 -2.84
N GLU A 245 11.92 -6.27 -1.84
CA GLU A 245 11.45 -4.91 -1.77
C GLU A 245 12.33 -4.16 -0.81
N ILE A 246 12.83 -3.01 -1.27
CA ILE A 246 13.82 -2.24 -0.53
C ILE A 246 13.44 -0.78 -0.72
N ASP A 247 13.18 -0.07 0.36
CA ASP A 247 12.98 1.36 0.30
C ASP A 247 14.26 2.12 0.61
N SER A 248 14.52 3.16 -0.17
CA SER A 248 15.80 3.88 -0.12
C SER A 248 15.59 5.27 -0.66
N TYR A 249 16.25 6.23 -0.02
CA TYR A 249 16.34 7.59 -0.56
C TYR A 249 17.66 7.83 -1.27
N SER A 250 18.31 6.73 -1.64
CA SER A 250 19.56 6.76 -2.39
C SER A 250 19.38 5.95 -3.68
N PRO A 251 19.03 6.61 -4.77
CA PRO A 251 18.95 5.94 -6.05
C PRO A 251 20.27 5.24 -6.43
N GLN A 252 21.41 5.91 -6.20
CA GLN A 252 22.76 5.36 -6.46
CA GLN A 252 22.70 5.31 -6.53
C GLN A 252 22.98 4.08 -5.67
N GLY A 253 22.65 4.15 -4.40
CA GLY A 253 22.82 2.99 -3.52
C GLY A 253 21.90 1.84 -3.92
N LEU A 254 20.63 2.14 -4.15
CA LEU A 254 19.68 1.10 -4.55
C LEU A 254 20.09 0.44 -5.88
N ALA A 255 20.48 1.26 -6.85
CA ALA A 255 20.97 0.78 -8.15
C ALA A 255 22.13 -0.18 -7.99
N TYR A 256 23.08 0.16 -7.12
CA TYR A 256 24.19 -0.70 -6.83
C TYR A 256 23.74 -2.09 -6.33
N VAL A 257 22.83 -2.08 -5.37
CA VAL A 257 22.29 -3.32 -4.80
C VAL A 257 21.61 -4.15 -5.88
N ARG A 258 20.79 -3.50 -6.69
CA ARG A 258 20.06 -4.20 -7.73
C ARG A 258 21.05 -4.81 -8.72
N ASN A 259 22.09 -4.06 -9.07
CA ASN A 259 23.06 -4.54 -10.02
C ASN A 259 23.74 -5.82 -9.55
N HIS A 260 23.77 -6.06 -8.24
CA HIS A 260 24.37 -7.24 -7.67
C HIS A 260 23.34 -8.22 -7.09
N SER A 261 22.10 -8.10 -7.53
CA SER A 261 20.98 -8.89 -7.04
C SER A 261 20.61 -9.94 -8.04
N PRO A 262 20.49 -11.20 -7.60
CA PRO A 262 19.96 -12.26 -8.43
C PRO A 262 18.43 -12.38 -8.36
N HIS A 263 17.79 -11.48 -7.64
CA HIS A 263 16.36 -11.38 -7.56
C HIS A 263 15.85 -10.03 -8.06
N PRO A 264 14.63 -10.03 -8.60
CA PRO A 264 14.02 -8.77 -8.96
C PRO A 264 13.86 -7.85 -7.73
N ILE A 265 14.13 -6.57 -7.95
CA ILE A 265 14.07 -5.59 -6.90
C ILE A 265 12.89 -4.64 -7.14
N SER A 266 12.07 -4.46 -6.10
CA SER A 266 11.05 -3.45 -6.12
C SER A 266 11.30 -2.36 -5.07
N SER A 267 10.76 -1.18 -5.33
CA SER A 267 10.91 -0.05 -4.41
C SER A 267 9.91 1.03 -4.81
N CYS A 268 10.03 2.19 -4.16
CA CYS A 268 9.35 3.45 -4.50
C CYS A 268 8.01 3.73 -3.81
N GLU A 269 7.56 2.87 -2.90
CA GLU A 269 6.22 3.01 -2.31
C GLU A 269 6.01 4.31 -1.57
N THR A 270 7.10 4.95 -1.16
CA THR A 270 6.98 6.19 -0.41
C THR A 270 7.19 7.43 -1.25
N LEU A 271 7.31 7.28 -2.56
CA LEU A 271 7.69 8.40 -3.40
C LEU A 271 6.48 9.11 -4.00
N PHE A 272 6.66 10.40 -4.28
CA PHE A 272 5.61 11.27 -4.83
C PHE A 272 5.95 11.90 -6.19
N GLY A 273 5.13 11.62 -7.19
CA GLY A 273 5.21 12.27 -8.50
C GLY A 273 6.29 11.71 -9.40
N ILE A 274 6.11 11.91 -10.70
CA ILE A 274 7.18 11.60 -11.67
C ILE A 274 8.56 12.08 -11.16
N ARG A 275 8.59 13.30 -10.62
CA ARG A 275 9.81 13.93 -10.11
C ARG A 275 10.63 13.04 -9.19
N GLU A 276 9.97 12.39 -8.22
CA GLU A 276 10.73 11.61 -7.26
C GLU A 276 11.12 10.24 -7.77
N PHE A 277 10.32 9.74 -8.71
CA PHE A 277 10.56 8.43 -9.29
C PHE A 277 11.73 8.53 -10.27
N LYS A 278 11.86 9.66 -10.95
CA LYS A 278 12.85 9.81 -12.03
C LYS A 278 14.28 9.40 -11.70
N PRO A 279 14.85 9.87 -10.57
CA PRO A 279 16.23 9.51 -10.32
C PRO A 279 16.44 7.99 -10.15
N PHE A 280 15.44 7.29 -9.65
CA PHE A 280 15.48 5.83 -9.53
C PHE A 280 15.47 5.13 -10.87
N PHE A 281 14.62 5.60 -11.77
CA PHE A 281 14.61 5.04 -13.11
C PHE A 281 15.88 5.41 -13.88
N ASP A 282 16.35 6.65 -13.71
CA ASP A 282 17.60 7.05 -14.37
C ASP A 282 18.79 6.18 -13.96
N ALA A 283 18.79 5.76 -12.70
CA ALA A 283 19.84 4.95 -12.13
C ALA A 283 19.69 3.44 -12.38
N ASN A 284 18.64 3.00 -13.07
CA ASN A 284 18.38 1.54 -13.20
C ASN A 284 18.18 0.85 -11.86
N ALA A 285 17.47 1.52 -10.97
CA ALA A 285 17.46 1.07 -9.58
C ALA A 285 16.43 -0.03 -9.32
N VAL A 286 15.42 -0.18 -10.19
CA VAL A 286 14.32 -1.11 -9.90
C VAL A 286 13.87 -1.99 -11.07
N ASP A 287 13.44 -3.19 -10.71
CA ASP A 287 12.68 -4.06 -11.62
C ASP A 287 11.21 -3.64 -11.65
N VAL A 288 10.64 -3.42 -10.45
CA VAL A 288 9.25 -3.02 -10.28
C VAL A 288 9.11 -1.74 -9.45
N ALA A 289 8.28 -0.80 -9.91
CA ALA A 289 7.97 0.42 -9.17
C ALA A 289 6.66 0.25 -8.43
N ILE A 290 6.72 0.36 -7.12
CA ILE A 290 5.53 0.34 -6.26
C ILE A 290 5.01 1.76 -6.20
N VAL A 291 3.73 1.95 -6.49
CA VAL A 291 3.15 3.28 -6.51
C VAL A 291 2.08 3.35 -5.44
N ASP A 292 2.20 4.32 -4.55
CA ASP A 292 1.15 4.57 -3.55
C ASP A 292 0.16 5.61 -4.07
N THR A 293 -0.95 5.10 -4.59
CA THR A 293 -1.99 5.91 -5.18
C THR A 293 -2.88 6.53 -4.11
N ILE A 294 -2.90 5.94 -2.92
CA ILE A 294 -3.61 6.51 -1.75
C ILE A 294 -2.92 7.82 -1.34
N TRP A 295 -1.60 7.79 -1.29
CA TRP A 295 -0.76 8.93 -1.05
C TRP A 295 -0.74 9.95 -2.20
N ASN A 296 -0.52 9.46 -3.42
CA ASN A 296 -0.32 10.35 -4.57
C ASN A 296 -1.61 10.91 -5.10
N GLY A 297 -2.69 10.17 -4.91
CA GLY A 297 -3.90 10.36 -5.71
C GLY A 297 -3.84 9.52 -6.97
N VAL A 298 -4.97 8.92 -7.34
CA VAL A 298 -5.00 8.00 -8.49
C VAL A 298 -4.71 8.72 -9.82
N TRP A 299 -5.14 9.98 -9.98
CA TRP A 299 -4.87 10.71 -11.23
C TRP A 299 -3.38 10.99 -11.38
N GLN A 300 -2.76 11.47 -10.31
CA GLN A 300 -1.30 11.66 -10.33
C GLN A 300 -0.58 10.30 -10.57
N SER A 301 -1.10 9.23 -10.00
CA SER A 301 -0.51 7.90 -10.18
C SER A 301 -0.59 7.37 -11.59
N LYS A 303 -0.09 9.26 -14.16
CA LYS A 303 1.05 9.91 -14.76
C LYS A 303 2.32 9.14 -14.45
N ILE A 304 2.45 8.69 -13.21
CA ILE A 304 3.62 7.91 -12.78
C ILE A 304 3.64 6.55 -13.51
N ALA A 305 2.50 5.88 -13.62
CA ALA A 305 2.47 4.62 -14.34
C ALA A 305 2.87 4.80 -15.81
N ALA A 306 2.41 5.88 -16.44
CA ALA A 306 2.79 6.12 -17.83
C ALA A 306 4.29 6.36 -18.02
N PHE A 307 4.91 7.00 -17.03
CA PHE A 307 6.33 7.29 -17.02
C PHE A 307 7.10 5.95 -16.89
N ALA A 308 6.65 5.11 -15.98
CA ALA A 308 7.25 3.79 -15.78
C ALA A 308 7.11 2.99 -17.08
N ASP A 309 5.95 3.09 -17.72
CA ASP A 309 5.68 2.33 -18.92
C ASP A 309 6.70 2.66 -20.02
N ALA A 310 7.10 3.94 -20.10
CA ALA A 310 8.05 4.39 -21.11
C ALA A 310 9.46 3.83 -20.87
N HIS A 311 9.73 3.46 -19.62
CA HIS A 311 10.92 2.76 -19.22
C HIS A 311 10.75 1.23 -19.21
N ASP A 312 9.65 0.71 -19.71
CA ASP A 312 9.33 -0.73 -19.64
C ASP A 312 9.48 -1.27 -18.24
N ILE A 313 8.94 -0.51 -17.28
CA ILE A 313 8.85 -0.89 -15.90
C ILE A 313 7.36 -1.09 -15.57
N ASN A 314 7.03 -2.26 -15.01
CA ASN A 314 5.71 -2.54 -14.49
C ASN A 314 5.56 -2.03 -13.05
N VAL A 315 4.33 -1.62 -12.72
CA VAL A 315 4.03 -1.04 -11.42
C VAL A 315 3.09 -1.91 -10.59
N ALA A 316 3.16 -1.71 -9.29
CA ALA A 316 2.32 -2.39 -8.33
C ALA A 316 1.78 -1.39 -7.33
N PRO A 317 0.46 -1.33 -7.16
CA PRO A 317 -0.07 -0.45 -6.11
C PRO A 317 0.33 -0.88 -4.71
N HIS A 318 0.60 0.12 -3.89
CA HIS A 318 0.80 -0.06 -2.46
C HIS A 318 -0.55 -0.06 -1.79
N ASN A 319 -0.90 -1.18 -1.17
CA ASN A 319 -2.24 -1.37 -0.65
C ASN A 319 -2.19 -2.21 0.61
N PHE A 320 -2.20 -1.54 1.77
CA PHE A 320 -2.17 -2.25 3.04
C PHE A 320 -3.03 -1.58 4.11
N TYR A 321 -4.16 -1.04 3.67
CA TYR A 321 -5.08 -0.40 4.58
C TYR A 321 -6.45 -1.12 4.61
N GLY A 322 -7.55 -0.38 4.55
CA GLY A 322 -8.91 -0.95 4.61
C GLY A 322 -9.57 -1.13 3.25
N HIS A 323 -10.81 -1.60 3.23
CA HIS A 323 -11.47 -1.97 1.96
C HIS A 323 -11.54 -0.86 0.94
N LEU A 324 -11.79 0.38 1.37
CA LEU A 324 -11.86 1.47 0.39
C LEU A 324 -10.54 1.69 -0.29
N CYS A 325 -9.43 1.56 0.45
CA CYS A 325 -8.11 1.66 -0.19
C CYS A 325 -7.94 0.59 -1.26
N THR A 326 -8.38 -0.63 -0.94
CA THR A 326 -8.32 -1.74 -1.88
C THR A 326 -9.09 -1.46 -3.16
N ILE A 328 -9.99 1.57 -4.31
CA ILE A 328 -9.30 2.63 -5.03
C ILE A 328 -8.19 2.05 -5.92
N ASN A 329 -7.38 1.18 -5.33
CA ASN A 329 -6.27 0.56 -6.04
C ASN A 329 -6.76 -0.39 -7.13
N ALA A 330 -7.89 -1.04 -6.88
CA ALA A 330 -8.51 -1.92 -7.89
C ALA A 330 -8.81 -1.17 -9.18
N ASN A 331 -9.32 0.03 -9.04
CA ASN A 331 -9.65 0.85 -10.19
C ASN A 331 -8.41 1.32 -10.95
N PHE A 332 -7.35 1.68 -10.21
CA PHE A 332 -6.04 1.91 -10.80
C PHE A 332 -5.53 0.69 -11.55
N ALA A 333 -5.54 -0.46 -10.88
CA ALA A 333 -5.07 -1.72 -11.43
C ALA A 333 -5.86 -2.11 -12.69
N ALA A 334 -7.14 -1.83 -12.70
CA ALA A 334 -7.98 -2.12 -13.85
C ALA A 334 -7.53 -1.39 -15.13
N ALA A 335 -7.00 -0.18 -14.98
CA ALA A 335 -6.76 0.76 -16.06
C ALA A 335 -5.31 0.82 -16.57
N VAL A 336 -4.36 0.37 -15.76
CA VAL A 336 -2.93 0.47 -16.06
C VAL A 336 -2.42 -0.74 -16.87
N PRO A 337 -1.87 -0.50 -18.08
CA PRO A 337 -1.44 -1.68 -18.85
C PRO A 337 -0.27 -2.42 -18.20
N ASN A 338 0.70 -1.65 -17.73
CA ASN A 338 1.96 -2.15 -17.19
C ASN A 338 1.84 -2.49 -15.71
N LEU A 339 0.93 -3.41 -15.39
CA LEU A 339 0.62 -3.78 -14.02
C LEU A 339 1.33 -5.07 -13.62
N ARG A 340 2.20 -5.00 -12.60
CA ARG A 340 2.94 -6.19 -12.18
C ARG A 340 2.05 -7.22 -11.47
N ILE A 341 1.32 -6.71 -10.49
CA ILE A 341 0.50 -7.50 -9.56
C ILE A 341 -0.13 -6.49 -8.58
N GLU A 343 -1.13 -5.70 -4.48
CA GLU A 343 -0.97 -6.04 -3.07
C GLU A 343 -2.32 -6.04 -2.40
N THR A 344 -2.51 -6.99 -1.52
CA THR A 344 -3.68 -6.93 -0.66
C THR A 344 -3.43 -7.68 0.64
N ASP A 345 -3.98 -7.15 1.73
CA ASP A 345 -3.94 -7.82 3.04
C ASP A 345 -5.17 -8.72 3.17
N ILE A 346 -4.95 -10.01 3.21
CA ILE A 346 -6.08 -10.92 3.26
C ILE A 346 -6.55 -11.10 4.71
N ASP A 347 -5.64 -10.93 5.67
CA ASP A 347 -6.03 -10.91 7.08
C ASP A 347 -6.85 -9.65 7.28
N ARG A 348 -8.02 -9.79 7.89
CA ARG A 348 -8.95 -8.68 8.10
C ARG A 348 -9.30 -8.55 9.56
N LEU A 349 -9.53 -7.30 9.96
CA LEU A 349 -10.16 -6.97 11.23
C LEU A 349 -11.55 -7.62 11.34
N ALA A 350 -11.91 -8.05 12.55
CA ALA A 350 -13.23 -8.63 12.78
C ALA A 350 -14.39 -7.67 12.43
N TRP A 351 -14.13 -6.36 12.39
CA TRP A 351 -15.16 -5.36 12.07
C TRP A 351 -14.94 -4.68 10.70
N GLU A 352 -13.98 -5.17 9.93
CA GLU A 352 -13.68 -4.54 8.65
C GLU A 352 -14.92 -4.40 7.77
N ASP A 353 -15.68 -5.48 7.65
CA ASP A 353 -16.83 -5.51 6.75
C ASP A 353 -17.96 -4.59 7.22
N GLU A 354 -18.09 -4.38 8.52
CA GLU A 354 -19.10 -3.48 9.09
CA GLU A 354 -19.11 -3.48 9.07
C GLU A 354 -18.89 -2.04 8.63
N LEU A 355 -17.63 -1.65 8.44
CA LEU A 355 -17.27 -0.28 8.12
C LEU A 355 -17.61 0.15 6.69
N PHE A 356 -17.84 -0.82 5.80
CA PHE A 356 -17.98 -0.55 4.37
C PHE A 356 -19.21 -1.24 3.79
N THR A 357 -19.79 -0.62 2.76
CA THR A 357 -20.99 -1.14 2.11
C THR A 357 -20.70 -2.39 1.27
N HIS A 358 -19.52 -2.48 0.64
CA HIS A 358 -19.14 -3.69 -0.12
C HIS A 358 -17.71 -4.14 0.18
N ALA A 359 -17.53 -5.46 0.24
CA ALA A 359 -16.23 -6.07 0.46
C ALA A 359 -15.57 -6.41 -0.90
N PRO A 360 -14.24 -6.28 -1.00
CA PRO A 360 -13.56 -6.82 -2.18
C PRO A 360 -13.81 -8.32 -2.33
N GLU A 361 -14.04 -8.75 -3.57
CA GLU A 361 -14.31 -10.14 -3.87
CA GLU A 361 -14.34 -10.13 -3.93
C GLU A 361 -13.14 -10.75 -4.61
N TYR A 362 -12.74 -11.94 -4.16
CA TYR A 362 -11.60 -12.66 -4.72
C TYR A 362 -12.06 -13.99 -5.27
N GLN A 363 -11.40 -14.44 -6.33
CA GLN A 363 -11.69 -15.71 -6.96
C GLN A 363 -10.44 -16.22 -7.63
N ASN A 364 -10.09 -17.47 -7.34
CA ASN A 364 -8.90 -18.11 -7.88
C ASN A 364 -7.66 -17.20 -7.83
N GLY A 365 -7.44 -16.60 -6.68
CA GLY A 365 -6.25 -15.77 -6.45
C GLY A 365 -6.24 -14.43 -7.13
N GLU A 366 -7.40 -13.96 -7.60
CA GLU A 366 -7.53 -12.66 -8.24
C GLU A 366 -8.63 -11.80 -7.66
N LEU A 367 -8.41 -10.49 -7.67
CA LEU A 367 -9.42 -9.53 -7.24
C LEU A 367 -10.33 -9.20 -8.42
N ILE A 368 -11.64 -9.28 -8.20
CA ILE A 368 -12.65 -8.94 -9.20
C ILE A 368 -12.83 -7.44 -9.16
N ILE A 369 -12.74 -6.81 -10.32
CA ILE A 369 -12.89 -5.37 -10.39
C ILE A 369 -14.38 -5.08 -10.42
N PRO A 370 -14.88 -4.29 -9.47
CA PRO A 370 -16.31 -4.07 -9.48
C PRO A 370 -16.71 -3.05 -10.54
N ASP A 371 -18.02 -2.94 -10.78
CA ASP A 371 -18.58 -2.07 -11.82
C ASP A 371 -19.71 -1.17 -11.27
N ARG A 372 -19.60 -0.76 -10.02
CA ARG A 372 -20.54 0.15 -9.42
C ARG A 372 -20.02 1.58 -9.60
N PRO A 373 -20.91 2.59 -9.55
CA PRO A 373 -20.44 3.97 -9.64
C PRO A 373 -19.44 4.34 -8.54
N GLY A 374 -18.39 5.07 -8.90
CA GLY A 374 -17.32 5.42 -7.94
C GLY A 374 -16.32 4.29 -7.73
N TRP A 375 -15.64 4.29 -6.58
CA TRP A 375 -14.58 3.33 -6.31
C TRP A 375 -15.09 1.90 -6.16
N GLY A 376 -16.34 1.73 -5.73
CA GLY A 376 -16.95 0.41 -5.56
C GLY A 376 -17.37 0.06 -4.13
N THR A 377 -17.11 0.95 -3.18
CA THR A 377 -17.50 0.76 -1.77
C THR A 377 -17.54 2.12 -1.10
N ASP A 378 -18.41 2.24 -0.11
CA ASP A 378 -18.55 3.41 0.71
C ASP A 378 -18.32 3.08 2.18
N PRO A 379 -17.54 3.92 2.88
CA PRO A 379 -17.55 3.85 4.34
C PRO A 379 -18.98 4.07 4.88
N VAL A 380 -19.31 3.46 6.02
CA VAL A 380 -20.64 3.56 6.62
C VAL A 380 -20.53 4.45 7.87
N GLU A 381 -21.07 5.67 7.82
CA GLU A 381 -20.90 6.65 8.92
C GLU A 381 -21.27 6.07 10.30
N GLU A 382 -22.38 5.34 10.36
CA GLU A 382 -22.85 4.84 11.64
C GLU A 382 -21.90 3.81 12.24
N ALA A 383 -21.31 2.98 11.40
CA ALA A 383 -20.34 1.99 11.86
C ALA A 383 -19.00 2.66 12.29
N ILE A 384 -18.61 3.70 11.54
CA ILE A 384 -17.41 4.50 11.87
C ILE A 384 -17.55 5.06 13.29
N LEU A 385 -18.70 5.62 13.59
CA LEU A 385 -18.95 6.15 14.91
C LEU A 385 -19.04 5.04 15.99
N ALA A 386 -19.42 3.82 15.61
CA ALA A 386 -19.40 2.70 16.57
C ALA A 386 -17.98 2.20 16.86
N HIS A 387 -16.99 2.66 16.09
CA HIS A 387 -15.58 2.27 16.26
C HIS A 387 -14.67 3.49 16.44
N PRO A 388 -14.84 4.18 17.58
CA PRO A 388 -14.09 5.42 17.74
C PRO A 388 -12.58 5.20 17.68
N PRO A 389 -11.86 6.19 17.16
CA PRO A 389 -10.41 6.01 17.00
C PRO A 389 -9.66 6.02 18.33
N LYS A 390 -8.40 5.57 18.29
CA LYS A 390 -7.49 5.69 19.44
C LYS A 390 -6.53 6.80 19.10
N VAL A 391 -5.57 7.06 19.98
CA VAL A 391 -4.53 8.02 19.64
C VAL A 391 -3.74 7.43 18.48
N GLY A 393 -1.51 5.44 16.10
CA GLY A 393 -0.75 4.21 16.21
C GLY A 393 0.23 4.09 15.05
N GLY A 394 0.22 2.93 14.39
CA GLY A 394 1.18 2.64 13.32
C GLY A 394 2.62 2.73 13.79
N LEU A 395 3.46 3.42 13.00
CA LEU A 395 4.87 3.65 13.38
C LEU A 395 5.01 4.47 14.64
N LEU A 396 3.99 5.29 14.91
CA LEU A 396 3.99 6.17 16.07
C LEU A 396 3.42 5.50 17.34
N GLN A 397 3.14 4.19 17.29
CA GLN A 397 2.71 3.40 18.46
C GLN A 397 3.93 2.96 19.26
#